data_3NHW
#
_entry.id   3NHW
#
_cell.length_a   56.015
_cell.length_b   83.208
_cell.length_c   106.360
_cell.angle_alpha   90.000
_cell.angle_beta   90.000
_cell.angle_gamma   90.000
#
_symmetry.space_group_name_H-M   'P 21 21 21'
#
loop_
_entity.id
_entity.type
_entity.pdbx_description
1 polymer 'Ribosyldihydronicotinamide dehydrogenase [quinone]'
2 non-polymer 'ZINC ION'
3 non-polymer 'FLAVIN-ADENINE DINUCLEOTIDE'
4 non-polymer 1,4-dimethylquinolin-2(1H)-one
5 water water
#
_entity_poly.entity_id   1
_entity_poly.type   'polypeptide(L)'
_entity_poly.pdbx_seq_one_letter_code
;AGKKVLIVYAHQEPKSFNGSLKNVAVDELSRQGCTVTVSDLYAMNFEPRATDKDITGTLSNPEVFNYGVETHEAYKQRSL
ASDITDEQKKVREADLVIFQFPLYWFSVPAILKGWMDRVLCQGFAFDIPGFYDSGLLQGKLALLSVTTGGTAEMYTKTGV
NGDSRYFLWPLQHGTLHFCGFKVLAPQISFAPEIASEEERKGMVAAWSQRLQTIWKEEPIPCTAHWHFGQ
;
_entity_poly.pdbx_strand_id   A,B
#
loop_
_chem_comp.id
_chem_comp.type
_chem_comp.name
_chem_comp.formula
FAD non-polymer 'FLAVIN-ADENINE DINUCLEOTIDE' 'C27 H33 N9 O15 P2'
ZN non-polymer 'ZINC ION' 'Zn 2'
ZXZ non-polymer 1,4-dimethylquinolin-2(1H)-one 'C11 H11 N O'
#
# COMPACT_ATOMS: atom_id res chain seq x y z
N ALA A 1 8.56 30.70 5.70
CA ALA A 1 9.75 31.55 5.34
C ALA A 1 10.88 31.75 6.44
N GLY A 2 12.01 31.04 6.26
CA GLY A 2 12.21 30.24 5.04
C GLY A 2 11.92 28.76 5.24
N LYS A 3 10.98 28.19 4.48
CA LYS A 3 10.66 26.74 4.63
C LYS A 3 10.37 26.17 3.27
N LYS A 4 10.77 24.93 3.06
CA LYS A 4 10.51 24.28 1.80
C LYS A 4 9.47 23.19 2.02
N VAL A 5 8.57 23.09 1.06
CA VAL A 5 7.47 22.06 1.15
C VAL A 5 7.47 21.28 -0.17
N LEU A 6 7.37 19.96 -0.06
CA LEU A 6 7.24 19.07 -1.25
C LEU A 6 5.80 18.51 -1.10
N ILE A 7 4.99 18.64 -2.13
CA ILE A 7 3.66 18.00 -2.20
C ILE A 7 3.80 16.83 -3.13
N VAL A 8 3.63 15.61 -2.61
CA VAL A 8 3.60 14.40 -3.50
C VAL A 8 2.13 14.09 -3.75
N TYR A 9 1.73 14.23 -4.99
CA TYR A 9 0.27 14.27 -5.35
C TYR A 9 -0.03 13.11 -6.27
N ALA A 10 -1.11 12.37 -5.94
CA ALA A 10 -1.44 11.14 -6.70
C ALA A 10 -2.93 11.20 -7.08
N HIS A 11 -3.26 11.97 -8.13
CA HIS A 11 -4.57 11.85 -8.70
C HIS A 11 -4.48 12.12 -10.20
N GLN A 12 -5.30 11.38 -10.96
CA GLN A 12 -5.25 11.46 -12.40
C GLN A 12 -5.86 12.69 -13.04
N GLU A 13 -6.71 13.36 -12.28
CA GLU A 13 -7.59 14.41 -12.89
C GLU A 13 -7.37 15.80 -12.24
N PRO A 14 -6.88 16.76 -13.02
CA PRO A 14 -6.55 18.09 -12.44
C PRO A 14 -7.78 18.77 -11.90
N LYS A 15 -8.96 18.43 -12.44
CA LYS A 15 -10.18 19.07 -12.04
C LYS A 15 -10.86 18.40 -10.85
N SER A 16 -10.19 17.39 -10.24
CA SER A 16 -10.72 16.64 -9.12
C SER A 16 -10.69 17.40 -7.82
N PHE A 17 -11.38 16.86 -6.82
CA PHE A 17 -11.34 17.40 -5.47
C PHE A 17 -9.88 17.33 -4.92
N ASN A 18 -9.22 16.19 -5.17
CA ASN A 18 -7.76 16.11 -4.82
C ASN A 18 -6.97 17.23 -5.48
N GLY A 19 -7.24 17.46 -6.78
CA GLY A 19 -6.57 18.51 -7.57
C GLY A 19 -6.81 19.84 -6.85
N SER A 20 -8.07 20.08 -6.48
CA SER A 20 -8.34 21.34 -5.76
C SER A 20 -7.60 21.46 -4.46
N LEU A 21 -7.51 20.37 -3.64
CA LEU A 21 -6.77 20.41 -2.39
C LEU A 21 -5.26 20.67 -2.62
N LYS A 22 -4.73 20.05 -3.69
CA LYS A 22 -3.31 20.28 -4.01
C LYS A 22 -3.09 21.73 -4.46
N ASN A 23 -4.00 22.28 -5.27
CA ASN A 23 -3.80 23.63 -5.74
C ASN A 23 -3.99 24.64 -4.67
N VAL A 24 -4.92 24.43 -3.75
CA VAL A 24 -4.97 25.39 -2.65
C VAL A 24 -3.79 25.33 -1.72
N ALA A 25 -3.16 24.16 -1.56
CA ALA A 25 -1.97 24.07 -0.77
C ALA A 25 -0.86 24.87 -1.45
N VAL A 26 -0.72 24.71 -2.76
CA VAL A 26 0.29 25.48 -3.51
C VAL A 26 0.00 26.94 -3.34
N ASP A 27 -1.23 27.34 -3.56
CA ASP A 27 -1.62 28.80 -3.45
C ASP A 27 -1.29 29.37 -2.05
N GLU A 28 -1.71 28.67 -1.00
CA GLU A 28 -1.57 29.20 0.34
C GLU A 28 -0.11 29.19 0.82
N LEU A 29 0.63 28.10 0.59
CA LEU A 29 2.04 28.01 1.03
C LEU A 29 2.82 29.02 0.18
N SER A 30 2.44 29.18 -1.10
CA SER A 30 3.19 30.12 -1.99
C SER A 30 2.93 31.54 -1.49
N ARG A 31 1.67 31.83 -1.13
CA ARG A 31 1.34 33.17 -0.57
C ARG A 31 2.12 33.46 0.72
N GLN A 32 2.40 32.45 1.54
CA GLN A 32 3.17 32.63 2.78
C GLN A 32 4.66 32.93 2.49
N GLY A 33 5.10 32.77 1.22
CA GLY A 33 6.52 32.84 0.90
C GLY A 33 7.33 31.58 0.98
N CYS A 34 6.67 30.44 1.22
CA CYS A 34 7.39 29.16 1.25
C CYS A 34 7.85 28.73 -0.12
N THR A 35 8.88 27.91 -0.15
CA THR A 35 9.39 27.31 -1.39
C THR A 35 8.58 26.03 -1.62
N VAL A 36 7.93 25.92 -2.77
CA VAL A 36 6.97 24.81 -2.99
C VAL A 36 7.36 24.01 -4.22
N THR A 37 7.31 22.71 -4.11
CA THR A 37 7.52 21.78 -5.22
C THR A 37 6.44 20.73 -5.20
N VAL A 38 5.95 20.36 -6.38
CA VAL A 38 4.88 19.33 -6.47
C VAL A 38 5.42 18.21 -7.34
N SER A 39 5.32 16.97 -6.84
CA SER A 39 5.59 15.77 -7.67
C SER A 39 4.24 15.25 -8.03
N ASP A 40 3.83 15.50 -9.28
CA ASP A 40 2.52 15.09 -9.73
C ASP A 40 2.77 13.71 -10.36
N LEU A 41 2.58 12.62 -9.56
CA LEU A 41 3.04 11.29 -10.02
C LEU A 41 2.36 10.81 -11.28
N TYR A 42 1.05 10.98 -11.46
CA TYR A 42 0.47 10.47 -12.71
C TYR A 42 1.05 11.23 -13.92
N ALA A 43 1.20 12.53 -13.76
CA ALA A 43 1.62 13.35 -14.89
C ALA A 43 3.05 13.04 -15.24
N MET A 44 3.86 12.61 -14.25
CA MET A 44 5.25 12.16 -14.40
C MET A 44 5.34 10.74 -14.96
N ASN A 45 4.18 10.05 -14.98
CA ASN A 45 4.11 8.58 -15.26
C ASN A 45 5.10 7.84 -14.36
N PHE A 46 5.07 8.22 -13.08
CA PHE A 46 6.06 7.73 -12.14
C PHE A 46 6.01 6.18 -12.08
N GLU A 47 7.20 5.60 -12.21
CA GLU A 47 7.35 4.14 -12.19
C GLU A 47 7.08 3.60 -10.75
N PRO A 48 6.05 2.75 -10.54
CA PRO A 48 5.82 2.22 -9.15
C PRO A 48 6.57 0.93 -8.85
N ARG A 49 7.06 0.22 -9.88
CA ARG A 49 7.61 -1.14 -9.60
C ARG A 49 9.02 -1.07 -9.06
N ALA A 50 9.30 -1.91 -8.04
CA ALA A 50 10.68 -2.02 -7.44
C ALA A 50 11.47 -3.07 -8.29
N THR A 51 12.37 -2.63 -9.23
CA THR A 51 12.95 -3.65 -10.11
C THR A 51 14.45 -3.32 -10.26
N ASP A 52 15.17 -4.29 -10.87
CA ASP A 52 16.58 -4.06 -11.07
C ASP A 52 16.88 -2.90 -12.00
N LYS A 53 15.87 -2.31 -12.67
CA LYS A 53 16.15 -1.05 -13.41
C LYS A 53 16.39 0.14 -12.52
N ASP A 54 16.20 -0.01 -11.21
CA ASP A 54 16.35 1.11 -10.30
C ASP A 54 17.82 1.33 -9.99
N ILE A 55 18.64 0.35 -10.43
CA ILE A 55 20.09 0.43 -10.22
C ILE A 55 20.72 0.55 -11.62
N THR A 56 21.56 1.60 -11.80
CA THR A 56 22.15 1.85 -13.12
C THR A 56 23.51 1.19 -13.08
N GLY A 57 23.99 0.76 -14.24
CA GLY A 57 25.34 0.19 -14.31
C GLY A 57 25.32 -1.24 -13.81
N THR A 58 26.03 -1.53 -12.73
CA THR A 58 26.46 -2.91 -12.44
C THR A 58 25.93 -3.43 -11.10
N LEU A 59 25.08 -4.48 -11.17
CA LEU A 59 24.43 -5.01 -9.96
C LEU A 59 25.50 -5.48 -9.02
N SER A 60 25.28 -5.34 -7.73
CA SER A 60 26.26 -5.71 -6.76
C SER A 60 26.14 -7.17 -6.37
N ASN A 61 25.51 -7.98 -7.24
CA ASN A 61 25.28 -9.45 -7.07
C ASN A 61 24.22 -9.89 -8.05
N PRO A 62 24.56 -9.95 -9.35
CA PRO A 62 23.48 -10.24 -10.29
C PRO A 62 23.25 -11.74 -10.47
N GLU A 63 23.28 -12.51 -9.38
CA GLU A 63 23.01 -13.93 -9.45
C GLU A 63 21.71 -14.21 -8.67
N VAL A 64 21.51 -13.38 -7.64
CA VAL A 64 20.35 -13.44 -6.74
C VAL A 64 20.05 -11.97 -6.44
N PHE A 65 19.08 -11.44 -7.19
CA PHE A 65 18.62 -10.06 -6.98
C PHE A 65 17.87 -9.84 -5.65
N ASN A 66 18.40 -8.98 -4.81
CA ASN A 66 17.81 -8.56 -3.56
C ASN A 66 17.58 -7.03 -3.59
N TYR A 67 16.31 -6.63 -3.68
CA TYR A 67 16.06 -5.21 -3.95
C TYR A 67 16.61 -4.29 -2.86
N GLY A 68 16.38 -4.60 -1.60
CA GLY A 68 16.78 -3.78 -0.45
C GLY A 68 18.30 -3.65 -0.45
N VAL A 69 18.98 -4.78 -0.58
CA VAL A 69 20.44 -4.72 -0.58
C VAL A 69 21.04 -3.90 -1.74
N GLU A 70 20.58 -4.18 -2.97
CA GLU A 70 21.01 -3.52 -4.23
C GLU A 70 20.77 -2.02 -4.26
N THR A 71 19.62 -1.62 -3.72
CA THR A 71 19.29 -0.21 -3.71
C THR A 71 20.05 0.48 -2.60
N HIS A 72 20.23 -0.17 -1.44
CA HIS A 72 21.05 0.39 -0.34
C HIS A 72 22.49 0.68 -0.80
N GLU A 73 23.08 -0.31 -1.45
CA GLU A 73 24.44 -0.19 -2.04
C GLU A 73 24.45 0.87 -3.15
N ALA A 74 23.43 0.88 -4.04
CA ALA A 74 23.31 1.89 -5.12
C ALA A 74 23.24 3.30 -4.55
N TYR A 75 22.50 3.52 -3.47
CA TYR A 75 22.40 4.86 -2.88
C TYR A 75 23.79 5.29 -2.31
N LYS A 76 24.46 4.38 -1.59
CA LYS A 76 25.84 4.65 -1.08
C LYS A 76 26.86 4.99 -2.21
N GLN A 77 26.73 4.41 -3.42
CA GLN A 77 27.61 4.65 -4.57
C GLN A 77 27.00 5.54 -5.59
N ARG A 78 25.98 6.29 -5.23
CA ARG A 78 25.39 7.17 -6.24
C ARG A 78 25.06 6.49 -7.58
N SER A 79 24.45 5.28 -7.60
CA SER A 79 24.10 4.58 -8.86
C SER A 79 22.59 4.21 -8.90
N LEU A 80 21.74 5.00 -8.24
CA LEU A 80 20.24 4.80 -8.36
C LEU A 80 19.77 5.54 -9.59
N ALA A 81 18.69 5.02 -10.25
CA ALA A 81 18.02 5.63 -11.41
C ALA A 81 17.64 7.08 -11.08
N SER A 82 17.63 7.90 -12.13
CA SER A 82 17.58 9.34 -11.89
C SER A 82 16.14 9.71 -11.46
N ASP A 83 15.12 8.92 -11.80
CA ASP A 83 13.78 9.32 -11.20
C ASP A 83 13.72 9.23 -9.65
N ILE A 84 14.36 8.21 -9.07
CA ILE A 84 14.48 8.11 -7.67
C ILE A 84 15.36 9.23 -7.10
N THR A 85 16.53 9.48 -7.72
CA THR A 85 17.44 10.49 -7.10
C THR A 85 16.79 11.90 -7.17
N ASP A 86 16.08 12.16 -8.26
CA ASP A 86 15.37 13.43 -8.40
C ASP A 86 14.36 13.56 -7.26
N GLU A 87 13.59 12.49 -6.96
CA GLU A 87 12.71 12.64 -5.79
C GLU A 87 13.45 12.76 -4.45
N GLN A 88 14.60 12.08 -4.30
CA GLN A 88 15.31 12.16 -3.05
C GLN A 88 15.84 13.55 -2.80
N LYS A 89 16.27 14.21 -3.87
CA LYS A 89 16.71 15.58 -3.66
C LYS A 89 15.57 16.48 -3.16
N LYS A 90 14.36 16.33 -3.75
CA LYS A 90 13.23 17.10 -3.22
C LYS A 90 12.92 16.81 -1.76
N VAL A 91 13.01 15.53 -1.33
CA VAL A 91 12.69 15.23 0.01
C VAL A 91 13.83 15.77 0.99
N ARG A 92 15.06 15.53 0.61
CA ARG A 92 16.22 16.03 1.41
C ARG A 92 16.08 17.52 1.66
N GLU A 93 15.72 18.28 0.62
CA GLU A 93 15.59 19.73 0.86
C GLU A 93 14.33 20.18 1.61
N ALA A 94 13.30 19.33 1.64
CA ALA A 94 12.03 19.77 2.14
C ALA A 94 12.03 19.82 3.68
N ASP A 95 11.30 20.74 4.26
CA ASP A 95 11.07 20.77 5.72
C ASP A 95 9.76 20.06 6.01
N LEU A 96 8.83 20.07 5.03
CA LEU A 96 7.52 19.43 5.20
C LEU A 96 7.22 18.68 3.90
N VAL A 97 6.69 17.44 4.03
CA VAL A 97 6.28 16.69 2.85
C VAL A 97 4.79 16.41 3.08
N ILE A 98 3.96 16.94 2.18
CA ILE A 98 2.54 16.68 2.20
C ILE A 98 2.18 15.64 1.14
N PHE A 99 1.39 14.62 1.54
CA PHE A 99 0.95 13.60 0.54
C PHE A 99 -0.50 13.87 0.30
N GLN A 100 -0.89 14.08 -0.96
CA GLN A 100 -2.27 14.34 -1.25
C GLN A 100 -2.77 13.22 -2.18
N PHE A 101 -3.74 12.43 -1.70
CA PHE A 101 -4.25 11.30 -2.48
C PHE A 101 -5.67 10.86 -2.04
N PRO A 102 -6.38 10.22 -2.96
CA PRO A 102 -7.61 9.45 -2.59
C PRO A 102 -7.22 8.14 -1.94
N LEU A 103 -7.97 7.73 -0.90
CA LEU A 103 -7.72 6.46 -0.23
C LEU A 103 -8.13 5.39 -1.20
N TYR A 104 -7.18 4.48 -1.51
CA TYR A 104 -7.48 3.29 -2.34
C TYR A 104 -7.18 2.05 -1.46
N TRP A 105 -8.22 1.23 -1.18
CA TRP A 105 -8.05 0.06 -0.32
C TRP A 105 -7.36 0.34 1.01
N PHE A 106 -7.89 1.36 1.66
CA PHE A 106 -7.42 1.74 3.07
C PHE A 106 -5.96 2.15 3.04
N SER A 107 -5.43 2.51 1.81
CA SER A 107 -4.05 2.86 1.70
C SER A 107 -3.83 3.93 0.58
N VAL A 108 -2.55 4.08 0.15
CA VAL A 108 -2.24 5.00 -0.92
C VAL A 108 -2.48 4.25 -2.26
N PRO A 109 -2.90 4.98 -3.29
CA PRO A 109 -2.86 4.42 -4.68
C PRO A 109 -1.50 3.83 -4.98
N ALA A 110 -1.49 2.79 -5.79
CA ALA A 110 -0.24 2.08 -6.07
C ALA A 110 0.90 3.02 -6.59
N ILE A 111 0.54 4.00 -7.44
CA ILE A 111 1.66 4.85 -7.94
C ILE A 111 2.37 5.56 -6.76
N LEU A 112 1.60 5.94 -5.72
CA LEU A 112 2.25 6.57 -4.55
C LEU A 112 2.91 5.52 -3.64
N LYS A 113 2.33 4.30 -3.57
CA LYS A 113 3.02 3.26 -2.81
C LYS A 113 4.42 3.01 -3.48
N GLY A 114 4.42 3.09 -4.85
CA GLY A 114 5.73 2.92 -5.59
C GLY A 114 6.71 4.04 -5.21
N TRP A 115 6.22 5.28 -5.08
CA TRP A 115 7.10 6.35 -4.63
C TRP A 115 7.67 6.03 -3.24
N MET A 116 6.83 5.56 -2.31
CA MET A 116 7.35 5.22 -1.01
C MET A 116 8.37 4.09 -1.12
N ASP A 117 8.01 3.03 -1.85
CA ASP A 117 8.88 1.86 -1.92
C ASP A 117 10.24 2.22 -2.53
N ARG A 118 10.26 3.05 -3.61
CA ARG A 118 11.49 3.24 -4.40
C ARG A 118 12.24 4.51 -3.92
N VAL A 119 11.58 5.51 -3.39
CA VAL A 119 12.34 6.73 -3.00
C VAL A 119 12.90 6.61 -1.59
N LEU A 120 12.15 5.96 -0.67
CA LEU A 120 12.58 5.95 0.71
C LEU A 120 13.49 4.74 1.00
N CYS A 121 14.64 4.68 0.32
CA CYS A 121 15.48 3.49 0.34
C CYS A 121 16.47 3.54 1.50
N GLN A 122 17.02 2.37 1.82
CA GLN A 122 17.96 2.26 2.88
C GLN A 122 19.22 3.11 2.48
N GLY A 123 19.74 3.80 3.45
CA GLY A 123 20.89 4.73 3.26
C GLY A 123 20.40 6.15 3.17
N PHE A 124 19.23 6.28 2.54
CA PHE A 124 18.59 7.60 2.45
C PHE A 124 17.63 7.93 3.55
N ALA A 125 16.57 7.09 3.79
CA ALA A 125 15.57 7.36 4.71
C ALA A 125 15.70 6.66 6.04
N PHE A 126 16.40 5.54 5.97
CA PHE A 126 16.62 4.74 7.19
C PHE A 126 17.87 3.87 7.02
N ASP A 127 18.24 3.50 8.27
N ASP A 127 18.48 3.28 8.04
CA ASP A 127 19.42 2.76 8.61
CA ASP A 127 19.53 2.26 7.71
C ASP A 127 19.35 2.08 9.99
C ASP A 127 19.12 1.00 8.46
N ILE A 128 20.40 1.29 10.23
N ILE A 128 19.83 -0.13 8.31
CA ILE A 128 20.79 0.78 11.52
CA ILE A 128 19.55 -1.32 9.15
C ILE A 128 22.04 1.59 11.91
C ILE A 128 20.79 -1.72 9.93
N PRO A 129 21.88 2.53 12.85
N PRO A 129 20.79 -1.46 11.25
CA PRO A 129 20.65 2.71 13.54
CA PRO A 129 19.76 -0.73 11.98
C PRO A 129 19.97 3.81 12.79
C PRO A 129 19.93 0.74 11.67
N GLY A 130 18.81 4.16 13.27
N GLY A 130 19.01 1.57 12.11
CA GLY A 130 18.01 5.12 12.57
CA GLY A 130 19.09 2.99 11.80
C GLY A 130 16.85 4.65 11.70
C GLY A 130 17.73 3.41 11.31
N PHE A 131 16.20 3.55 12.03
N PHE A 131 16.76 3.33 12.24
CA PHE A 131 14.82 3.59 11.63
CA PHE A 131 15.29 3.60 11.94
C PHE A 131 14.41 4.51 12.69
C PHE A 131 14.40 4.16 13.14
N TYR A 132 13.09 4.49 12.92
CA TYR A 132 12.22 5.28 13.84
C TYR A 132 12.96 6.50 14.30
N ASP A 133 13.36 6.53 15.57
CA ASP A 133 13.98 7.82 16.01
C ASP A 133 15.40 8.11 15.52
N SER A 134 16.13 7.13 15.04
CA SER A 134 16.91 7.59 13.87
C SER A 134 15.96 7.63 12.67
N GLY A 135 14.88 8.34 12.71
CA GLY A 135 14.42 8.47 11.35
C GLY A 135 15.54 9.33 10.75
N LEU A 136 16.31 8.83 9.75
CA LEU A 136 17.22 9.74 8.94
C LEU A 136 16.63 10.98 8.40
N LEU A 137 15.31 11.02 8.27
CA LEU A 137 14.63 12.23 7.92
C LEU A 137 14.13 12.97 9.12
N GLN A 138 14.75 12.75 10.32
CA GLN A 138 14.23 13.50 11.52
C GLN A 138 14.46 14.94 11.33
N GLY A 139 13.60 15.73 11.91
CA GLY A 139 13.64 17.18 11.78
C GLY A 139 12.53 17.58 10.80
N LYS A 140 12.12 16.62 9.98
CA LYS A 140 11.15 16.92 8.91
C LYS A 140 9.75 16.66 9.35
N LEU A 141 8.83 17.39 8.77
CA LEU A 141 7.45 17.12 9.04
C LEU A 141 6.81 16.39 7.83
N ALA A 142 5.78 15.63 8.13
CA ALA A 142 5.03 14.92 7.06
C ALA A 142 3.60 15.01 7.42
N LEU A 143 2.74 15.03 6.40
CA LEU A 143 1.36 15.15 6.62
C LEU A 143 0.61 14.41 5.52
N LEU A 144 -0.32 13.56 5.91
CA LEU A 144 -1.18 12.91 4.93
C LEU A 144 -2.50 13.66 4.75
N SER A 145 -2.85 14.10 3.52
CA SER A 145 -4.10 14.70 3.22
C SER A 145 -4.83 13.74 2.31
N VAL A 146 -5.90 13.14 2.87
CA VAL A 146 -6.44 11.94 2.26
C VAL A 146 -7.91 12.30 1.98
N THR A 147 -8.48 11.82 0.86
CA THR A 147 -9.92 11.89 0.56
C THR A 147 -10.50 10.48 0.59
N THR A 148 -11.77 10.33 0.99
CA THR A 148 -12.32 8.95 1.05
C THR A 148 -13.61 8.85 0.27
N GLY A 149 -14.04 7.66 -0.09
CA GLY A 149 -15.37 7.42 -0.64
C GLY A 149 -16.34 7.23 0.56
N GLY A 150 -15.88 6.64 1.68
CA GLY A 150 -16.74 6.34 2.84
C GLY A 150 -16.94 7.58 3.71
N THR A 151 -18.02 7.61 4.50
CA THR A 151 -18.30 8.81 5.28
C THR A 151 -17.61 8.77 6.57
N ALA A 152 -17.57 9.90 7.31
CA ALA A 152 -16.95 9.87 8.62
C ALA A 152 -17.63 8.87 9.53
N GLU A 153 -18.96 8.72 9.41
CA GLU A 153 -19.62 7.75 10.37
C GLU A 153 -19.13 6.31 10.16
N MET A 154 -18.86 5.96 8.89
CA MET A 154 -18.32 4.63 8.54
C MET A 154 -16.99 4.45 9.17
N TYR A 155 -16.21 5.57 9.24
CA TYR A 155 -14.93 5.59 9.85
C TYR A 155 -14.91 5.92 11.34
N THR A 156 -15.86 5.28 12.08
CA THR A 156 -15.77 5.28 13.57
C THR A 156 -15.46 3.88 14.13
N LYS A 157 -15.14 3.77 15.43
CA LYS A 157 -14.54 2.52 16.00
C LYS A 157 -15.49 1.31 15.87
N THR A 158 -16.78 1.61 15.88
CA THR A 158 -17.80 0.60 15.75
C THR A 158 -18.52 0.74 14.40
N GLY A 159 -18.01 1.60 13.52
CA GLY A 159 -18.61 1.75 12.17
C GLY A 159 -18.04 0.61 11.28
N VAL A 160 -18.59 0.43 10.10
CA VAL A 160 -18.14 -0.71 9.20
C VAL A 160 -16.66 -0.72 8.89
N ASN A 161 -16.11 0.50 8.77
CA ASN A 161 -14.69 0.66 8.39
C ASN A 161 -13.69 0.72 9.50
N GLY A 162 -14.21 0.86 10.76
CA GLY A 162 -13.33 1.05 11.88
C GLY A 162 -12.91 2.51 11.93
N ASP A 163 -12.15 2.86 12.97
CA ASP A 163 -11.70 4.28 13.10
C ASP A 163 -10.74 4.58 11.91
N SER A 164 -10.75 5.80 11.35
CA SER A 164 -9.65 6.23 10.42
C SER A 164 -8.25 6.01 10.89
N ARG A 165 -7.99 6.21 12.19
CA ARG A 165 -6.69 6.01 12.67
C ARG A 165 -6.20 4.60 12.41
N TYR A 166 -7.09 3.61 12.41
CA TYR A 166 -6.68 2.21 12.17
C TYR A 166 -5.95 2.04 10.82
N PHE A 167 -6.48 2.67 9.76
CA PHE A 167 -5.76 2.46 8.50
C PHE A 167 -4.56 3.36 8.37
N LEU A 168 -4.48 4.44 9.14
CA LEU A 168 -3.25 5.26 9.09
C LEU A 168 -1.93 4.63 9.57
N TRP A 169 -2.02 3.53 10.38
CA TRP A 169 -0.85 2.96 11.01
C TRP A 169 0.31 2.59 10.08
N PRO A 170 0.05 1.85 8.94
CA PRO A 170 1.16 1.51 8.10
C PRO A 170 1.76 2.76 7.45
N LEU A 171 0.95 3.79 7.24
CA LEU A 171 1.46 5.02 6.58
C LEU A 171 2.20 5.95 7.56
N GLN A 172 1.52 6.31 8.60
CA GLN A 172 2.13 7.22 9.61
C GLN A 172 3.22 6.54 10.43
N HIS A 173 2.92 5.36 10.99
CA HIS A 173 3.95 4.71 11.81
C HIS A 173 4.94 3.91 11.06
N GLY A 174 4.43 3.00 10.23
CA GLY A 174 5.30 2.07 9.57
C GLY A 174 6.20 2.69 8.48
N THR A 175 5.74 3.82 7.96
CA THR A 175 6.50 4.49 6.91
C THR A 175 7.07 5.84 7.41
N LEU A 176 6.21 6.80 7.70
CA LEU A 176 6.71 8.21 8.00
C LEU A 176 7.57 8.22 9.29
N HIS A 177 6.98 7.72 10.36
CA HIS A 177 7.74 7.64 11.67
C HIS A 177 8.98 6.86 11.51
N PHE A 178 8.90 5.68 10.91
CA PHE A 178 10.02 4.87 10.72
C PHE A 178 11.23 5.58 10.10
N CYS A 179 10.99 6.37 9.04
CA CYS A 179 12.02 7.15 8.44
C CYS A 179 12.39 8.39 9.26
N GLY A 180 11.78 8.64 10.41
CA GLY A 180 12.20 9.82 11.22
C GLY A 180 11.39 11.06 11.15
N PHE A 181 10.41 11.12 10.22
CA PHE A 181 9.47 12.19 10.26
C PHE A 181 8.71 12.36 11.51
N LYS A 182 8.47 13.60 11.88
CA LYS A 182 7.47 13.98 12.77
C LYS A 182 6.18 14.11 11.95
N VAL A 183 5.13 13.51 12.49
CA VAL A 183 3.87 13.39 11.76
C VAL A 183 2.81 14.37 12.25
N LEU A 184 2.39 15.28 11.35
CA LEU A 184 1.33 16.14 11.67
C LEU A 184 0.06 15.40 11.53
N ALA A 185 -0.97 15.87 12.19
CA ALA A 185 -2.21 15.20 12.22
C ALA A 185 -2.71 15.12 10.79
N PRO A 186 -3.35 13.98 10.43
CA PRO A 186 -3.78 13.83 9.04
C PRO A 186 -4.91 14.75 8.73
N GLN A 187 -5.03 15.16 7.44
CA GLN A 187 -6.12 15.92 7.04
C GLN A 187 -7.02 14.97 6.31
N ILE A 188 -8.25 14.75 6.82
CA ILE A 188 -9.06 13.74 6.14
C ILE A 188 -10.32 14.35 5.64
N SER A 189 -10.51 14.33 4.33
CA SER A 189 -11.65 14.96 3.68
C SER A 189 -12.61 13.85 3.35
N PHE A 190 -13.59 13.63 4.24
CA PHE A 190 -14.51 12.50 4.09
C PHE A 190 -15.51 12.70 2.99
N ALA A 191 -15.61 11.73 2.08
CA ALA A 191 -16.69 11.59 1.08
C ALA A 191 -17.07 12.82 0.25
N PRO A 192 -16.07 13.49 -0.32
CA PRO A 192 -16.39 14.64 -1.14
C PRO A 192 -17.35 14.37 -2.29
N GLU A 193 -17.31 13.19 -2.94
CA GLU A 193 -18.07 12.90 -4.20
C GLU A 193 -19.60 13.10 -4.08
N ILE A 194 -20.10 12.81 -2.89
CA ILE A 194 -21.53 12.94 -2.54
C ILE A 194 -21.86 14.13 -1.58
N ALA A 195 -20.91 15.06 -1.43
CA ALA A 195 -21.13 16.23 -0.58
C ALA A 195 -21.62 17.29 -1.50
N SER A 196 -22.37 18.25 -0.93
CA SER A 196 -22.80 19.43 -1.68
C SER A 196 -21.61 20.26 -2.13
N GLU A 197 -21.86 21.11 -3.14
CA GLU A 197 -20.86 22.04 -3.70
C GLU A 197 -20.32 22.99 -2.63
N GLU A 198 -21.07 23.17 -1.55
CA GLU A 198 -20.68 24.01 -0.40
C GLU A 198 -20.02 23.23 0.74
N GLU A 199 -20.39 21.97 0.96
CA GLU A 199 -19.64 21.15 1.93
C GLU A 199 -18.19 20.96 1.45
N ARG A 200 -18.06 20.86 0.13
CA ARG A 200 -16.82 20.68 -0.56
C ARG A 200 -16.01 21.95 -0.47
N LYS A 201 -16.63 23.07 -0.85
CA LYS A 201 -15.99 24.35 -0.55
C LYS A 201 -15.56 24.49 0.94
N GLY A 202 -16.42 24.10 1.89
CA GLY A 202 -16.05 24.01 3.32
C GLY A 202 -14.77 23.22 3.61
N MET A 203 -14.64 22.06 2.95
CA MET A 203 -13.54 21.18 3.23
C MET A 203 -12.23 21.74 2.65
N VAL A 204 -12.33 22.34 1.46
CA VAL A 204 -11.17 22.99 0.77
C VAL A 204 -10.67 24.19 1.60
N ALA A 205 -11.60 24.98 2.09
CA ALA A 205 -11.24 26.15 2.89
C ALA A 205 -10.79 25.76 4.31
N ALA A 206 -11.29 24.68 4.94
CA ALA A 206 -10.71 24.19 6.19
C ALA A 206 -9.22 23.85 6.00
N TRP A 207 -8.94 23.26 4.82
CA TRP A 207 -7.58 22.89 4.46
C TRP A 207 -6.75 24.16 4.27
N SER A 208 -7.25 25.09 3.51
CA SER A 208 -6.50 26.34 3.25
C SER A 208 -6.29 27.05 4.59
N GLN A 209 -7.33 27.14 5.43
CA GLN A 209 -7.18 27.75 6.78
C GLN A 209 -6.23 27.02 7.72
N ARG A 210 -6.24 25.66 7.71
CA ARG A 210 -5.31 24.93 8.45
C ARG A 210 -3.88 25.31 8.02
N LEU A 211 -3.72 25.40 6.68
CA LEU A 211 -2.38 25.63 6.14
C LEU A 211 -1.83 26.99 6.56
N GLN A 212 -2.74 27.91 6.87
CA GLN A 212 -2.30 29.24 7.35
C GLN A 212 -1.44 29.13 8.59
N THR A 213 -1.76 28.14 9.44
CA THR A 213 -0.98 27.99 10.68
C THR A 213 -0.25 26.64 10.81
N ILE A 214 0.09 26.03 9.67
CA ILE A 214 0.71 24.72 9.72
C ILE A 214 2.05 24.67 10.48
N TRP A 215 2.83 25.77 10.42
CA TRP A 215 4.15 25.80 11.00
C TRP A 215 4.07 25.94 12.53
N LYS A 216 2.87 26.19 13.05
CA LYS A 216 2.72 26.26 14.51
C LYS A 216 2.24 24.95 15.14
N GLU A 217 2.16 23.89 14.34
CA GLU A 217 1.63 22.62 14.92
C GLU A 217 2.73 21.79 15.49
N GLU A 218 2.39 20.99 16.49
CA GLU A 218 3.34 20.05 17.10
C GLU A 218 2.99 18.68 16.44
N PRO A 219 3.97 17.83 16.19
CA PRO A 219 3.53 16.48 15.68
C PRO A 219 2.62 15.69 16.66
N ILE A 220 1.72 14.83 16.11
CA ILE A 220 0.95 13.81 16.90
C ILE A 220 1.92 12.89 17.59
N PRO A 221 1.52 12.23 18.71
CA PRO A 221 2.59 11.30 19.12
C PRO A 221 2.40 9.97 18.35
N CYS A 222 3.40 9.53 17.60
CA CYS A 222 3.11 8.51 16.55
C CYS A 222 3.30 7.12 17.21
N THR A 223 2.30 6.74 17.98
CA THR A 223 2.43 5.53 18.77
C THR A 223 1.21 4.64 18.54
N ALA A 224 1.39 3.37 18.89
CA ALA A 224 0.28 2.46 18.90
C ALA A 224 -0.94 2.99 19.67
N HIS A 225 -0.69 3.61 20.83
CA HIS A 225 -1.80 4.14 21.65
C HIS A 225 -2.55 5.26 20.92
N TRP A 226 -1.83 6.15 20.21
CA TRP A 226 -2.56 7.12 19.37
C TRP A 226 -3.56 6.46 18.36
N HIS A 227 -3.09 5.41 17.68
CA HIS A 227 -3.84 4.87 16.57
C HIS A 227 -4.97 3.93 17.00
N PHE A 228 -4.70 3.21 18.07
CA PHE A 228 -5.60 2.13 18.47
C PHE A 228 -6.17 2.27 19.89
N GLY A 229 -5.52 3.10 20.73
CA GLY A 229 -5.77 3.13 22.18
C GLY A 229 -6.99 3.95 22.52
N GLN A 230 -7.19 4.24 23.82
CA GLN A 230 -8.25 5.19 24.24
C GLN A 230 -7.76 6.51 24.94
N ALA B 1 -13.30 -33.83 -4.62
CA ALA B 1 -13.58 -32.40 -4.19
C ALA B 1 -13.25 -31.45 -5.38
N GLY B 2 -11.97 -31.09 -5.54
CA GLY B 2 -11.61 -30.27 -6.67
C GLY B 2 -11.70 -28.85 -6.17
N LYS B 3 -10.54 -28.23 -6.04
CA LYS B 3 -10.52 -26.80 -5.70
C LYS B 3 -9.57 -26.15 -6.67
N LYS B 4 -9.82 -24.87 -6.97
CA LYS B 4 -8.88 -24.04 -7.75
C LYS B 4 -8.25 -23.01 -6.84
N VAL B 5 -6.92 -22.84 -6.99
CA VAL B 5 -6.18 -21.86 -6.17
C VAL B 5 -5.47 -20.91 -7.15
N LEU B 6 -5.55 -19.60 -6.85
CA LEU B 6 -4.75 -18.59 -7.54
C LEU B 6 -3.72 -18.11 -6.50
N ILE B 7 -2.46 -18.11 -6.91
CA ILE B 7 -1.40 -17.49 -6.06
C ILE B 7 -1.00 -16.18 -6.73
N VAL B 8 -1.17 -15.04 -6.08
CA VAL B 8 -0.75 -13.77 -6.66
C VAL B 8 0.60 -13.50 -6.00
N TYR B 9 1.69 -13.50 -6.81
CA TYR B 9 3.05 -13.57 -6.29
C TYR B 9 3.82 -12.33 -6.68
N ALA B 10 4.47 -11.71 -5.68
CA ALA B 10 5.15 -10.41 -5.92
C ALA B 10 6.59 -10.40 -5.34
N HIS B 11 7.43 -11.04 -6.08
CA HIS B 11 8.89 -10.92 -5.81
C HIS B 11 9.67 -11.04 -7.12
N GLN B 12 10.79 -10.27 -7.14
CA GLN B 12 11.53 -10.12 -8.39
C GLN B 12 12.45 -11.30 -8.65
N GLU B 13 12.75 -12.06 -7.61
CA GLU B 13 13.85 -13.10 -7.71
C GLU B 13 13.32 -14.51 -7.44
N PRO B 14 13.37 -15.38 -8.46
CA PRO B 14 12.88 -16.77 -8.40
C PRO B 14 13.64 -17.52 -7.32
N LYS B 15 14.91 -17.19 -7.10
CA LYS B 15 15.68 -17.90 -6.00
C LYS B 15 15.46 -17.39 -4.59
N SER B 16 14.52 -16.42 -4.39
CA SER B 16 14.34 -15.84 -3.10
C SER B 16 13.53 -16.72 -2.18
N PHE B 17 13.46 -16.30 -0.95
CA PHE B 17 12.72 -17.03 0.02
C PHE B 17 11.21 -16.96 -0.30
N ASN B 18 10.74 -15.77 -0.71
CA ASN B 18 9.38 -15.73 -1.33
C ASN B 18 9.18 -16.72 -2.48
N GLY B 19 10.15 -16.84 -3.38
CA GLY B 19 10.00 -17.75 -4.50
C GLY B 19 9.83 -19.17 -3.95
N SER B 20 10.66 -19.52 -2.95
CA SER B 20 10.58 -20.87 -2.30
C SER B 20 9.20 -21.12 -1.67
N LEU B 21 8.63 -20.09 -1.00
CA LEU B 21 7.30 -20.27 -0.42
C LEU B 21 6.26 -20.40 -1.51
N LYS B 22 6.39 -19.63 -2.63
CA LYS B 22 5.44 -19.82 -3.74
C LYS B 22 5.61 -21.22 -4.34
N ASN B 23 6.85 -21.69 -4.46
CA ASN B 23 7.07 -22.95 -5.15
C ASN B 23 6.58 -24.09 -4.28
N VAL B 24 6.78 -24.00 -2.96
CA VAL B 24 6.24 -25.06 -2.14
C VAL B 24 4.73 -25.07 -2.14
N ALA B 25 4.10 -23.90 -2.22
CA ALA B 25 2.63 -23.89 -2.35
C ALA B 25 2.16 -24.59 -3.61
N VAL B 26 2.82 -24.29 -4.75
CA VAL B 26 2.41 -24.89 -6.01
C VAL B 26 2.64 -26.40 -5.86
N ASP B 27 3.80 -26.78 -5.37
CA ASP B 27 4.12 -28.25 -5.24
C ASP B 27 3.08 -28.98 -4.35
N GLU B 28 2.76 -28.41 -3.19
CA GLU B 28 1.90 -29.16 -2.27
C GLU B 28 0.44 -29.14 -2.76
N LEU B 29 -0.05 -27.97 -3.21
CA LEU B 29 -1.41 -27.94 -3.76
C LEU B 29 -1.55 -28.79 -5.03
N SER B 30 -0.54 -28.76 -5.89
CA SER B 30 -0.52 -29.68 -7.07
C SER B 30 -0.52 -31.15 -6.64
N ARG B 31 0.27 -31.50 -5.62
CA ARG B 31 0.32 -32.90 -5.06
C ARG B 31 -1.05 -33.29 -4.64
N GLN B 32 -1.80 -32.38 -3.99
CA GLN B 32 -3.16 -32.73 -3.50
C GLN B 32 -4.16 -32.92 -4.66
N GLY B 33 -3.83 -32.54 -5.88
CA GLY B 33 -4.78 -32.63 -7.02
C GLY B 33 -5.56 -31.32 -7.24
N CYS B 34 -5.17 -30.26 -6.55
CA CYS B 34 -5.85 -28.96 -6.81
C CYS B 34 -5.40 -28.39 -8.16
N THR B 35 -6.20 -27.51 -8.70
CA THR B 35 -5.84 -26.78 -9.93
C THR B 35 -5.18 -25.48 -9.47
N VAL B 36 -3.99 -25.19 -9.99
CA VAL B 36 -3.19 -24.09 -9.40
C VAL B 36 -2.79 -23.15 -10.54
N THR B 37 -2.94 -21.82 -10.31
CA THR B 37 -2.49 -20.79 -11.28
C THR B 37 -1.72 -19.76 -10.49
N VAL B 38 -0.63 -19.26 -11.04
CA VAL B 38 0.21 -18.25 -10.35
C VAL B 38 0.26 -17.04 -11.28
N SER B 39 -0.02 -15.89 -10.70
CA SER B 39 0.17 -14.61 -11.37
C SER B 39 1.46 -14.04 -10.82
N ASP B 40 2.57 -14.19 -11.61
CA ASP B 40 3.84 -13.72 -11.12
C ASP B 40 3.99 -12.26 -11.59
N LEU B 41 3.61 -11.31 -10.74
CA LEU B 41 3.44 -9.97 -11.25
C LEU B 41 4.70 -9.33 -11.82
N TYR B 42 5.86 -9.52 -11.21
CA TYR B 42 7.06 -8.86 -11.87
C TYR B 42 7.35 -9.51 -13.21
N ALA B 43 7.19 -10.83 -13.29
CA ALA B 43 7.45 -11.49 -14.60
C ALA B 43 6.54 -11.03 -15.68
N MET B 44 5.31 -10.70 -15.31
CA MET B 44 4.29 -10.22 -16.18
C MET B 44 4.45 -8.71 -16.53
N ASN B 45 5.33 -8.06 -15.78
CA ASN B 45 5.52 -6.59 -15.84
C ASN B 45 4.13 -5.94 -15.63
N PHE B 46 3.42 -6.50 -14.63
CA PHE B 46 2.06 -6.09 -14.38
C PHE B 46 1.98 -4.56 -14.15
N GLU B 47 1.02 -3.92 -14.80
CA GLU B 47 0.87 -2.43 -14.75
C GLU B 47 0.20 -2.07 -13.40
N PRO B 48 0.84 -1.27 -12.55
CA PRO B 48 0.22 -0.99 -11.23
C PRO B 48 -0.61 0.29 -11.28
N ARG B 49 -0.43 1.16 -12.27
CA ARG B 49 -1.05 2.52 -12.15
C ARG B 49 -2.49 2.46 -12.59
N ALA B 50 -3.34 3.12 -11.86
CA ALA B 50 -4.77 3.21 -12.17
C ALA B 50 -4.93 4.44 -13.09
N THR B 51 -5.04 4.14 -14.38
CA THR B 51 -5.17 5.28 -15.33
C THR B 51 -6.26 5.06 -16.35
N ASP B 52 -6.44 6.16 -17.10
CA ASP B 52 -7.51 6.12 -18.12
C ASP B 52 -7.18 5.19 -19.24
N LYS B 53 -5.97 4.64 -19.29
CA LYS B 53 -5.68 3.52 -20.25
C LYS B 53 -6.38 2.21 -19.90
N ASP B 54 -6.95 2.12 -18.69
CA ASP B 54 -7.57 0.86 -18.29
C ASP B 54 -9.02 0.77 -18.82
N ILE B 55 -9.49 1.83 -19.50
CA ILE B 55 -10.84 1.78 -20.10
C ILE B 55 -10.61 2.01 -21.61
N THR B 56 -11.13 1.15 -22.43
CA THR B 56 -10.89 1.34 -23.88
C THR B 56 -12.12 2.01 -24.61
N GLY B 57 -13.30 2.02 -24.02
CA GLY B 57 -14.42 2.67 -24.74
C GLY B 57 -14.65 4.15 -24.43
N THR B 58 -15.77 4.66 -24.90
CA THR B 58 -16.16 6.06 -24.63
C THR B 58 -16.38 6.22 -23.14
N LEU B 59 -15.72 7.21 -22.55
CA LEU B 59 -15.92 7.46 -21.11
C LEU B 59 -17.30 7.99 -20.75
N SER B 60 -17.79 7.66 -19.55
CA SER B 60 -19.02 8.30 -19.03
C SER B 60 -18.85 9.80 -18.92
N ASN B 61 -17.70 10.26 -18.44
CA ASN B 61 -17.51 11.70 -18.37
C ASN B 61 -16.08 12.03 -18.77
N PRO B 62 -15.84 12.29 -20.07
CA PRO B 62 -14.47 12.48 -20.54
C PRO B 62 -13.91 13.85 -20.09
N GLU B 63 -14.81 14.73 -19.60
CA GLU B 63 -14.45 16.06 -19.15
C GLU B 63 -13.71 16.00 -17.75
N VAL B 64 -14.18 15.13 -16.87
CA VAL B 64 -13.61 15.02 -15.48
C VAL B 64 -13.49 13.51 -15.18
N PHE B 65 -12.27 12.99 -15.29
CA PHE B 65 -12.03 11.55 -15.19
C PHE B 65 -12.09 11.12 -13.71
N ASN B 66 -12.92 10.13 -13.38
CA ASN B 66 -13.02 9.52 -12.05
C ASN B 66 -12.78 8.03 -12.26
N TYR B 67 -11.62 7.54 -11.75
CA TYR B 67 -11.22 6.17 -12.03
C TYR B 67 -12.28 5.19 -11.56
N GLY B 68 -12.82 5.36 -10.35
CA GLY B 68 -13.85 4.40 -9.88
C GLY B 68 -15.15 4.31 -10.76
N VAL B 69 -15.65 5.48 -11.14
CA VAL B 69 -16.89 5.59 -11.97
C VAL B 69 -16.59 4.96 -13.34
N GLU B 70 -15.44 5.30 -13.91
CA GLU B 70 -15.12 4.85 -15.28
C GLU B 70 -14.85 3.35 -15.33
N THR B 71 -14.14 2.81 -14.34
CA THR B 71 -13.93 1.38 -14.37
C THR B 71 -15.18 0.58 -14.06
N HIS B 72 -16.03 1.10 -13.16
CA HIS B 72 -17.23 0.41 -12.86
C HIS B 72 -18.04 0.30 -14.16
N GLU B 73 -18.10 1.42 -14.88
CA GLU B 73 -18.87 1.44 -16.18
C GLU B 73 -18.26 0.53 -17.18
N ALA B 74 -16.93 0.61 -17.28
CA ALA B 74 -16.17 -0.25 -18.27
C ALA B 74 -16.32 -1.71 -17.94
N TYR B 75 -16.39 -2.05 -16.65
CA TYR B 75 -16.63 -3.47 -16.26
C TYR B 75 -17.98 -3.96 -16.77
N LYS B 76 -18.99 -3.17 -16.54
CA LYS B 76 -20.36 -3.54 -16.99
C LYS B 76 -20.45 -3.58 -18.54
N GLN B 77 -19.74 -2.71 -19.22
CA GLN B 77 -19.75 -2.65 -20.71
C GLN B 77 -18.80 -3.66 -21.35
N ARG B 78 -17.87 -4.23 -20.56
CA ARG B 78 -16.74 -5.03 -21.09
C ARG B 78 -15.74 -4.28 -21.89
N SER B 79 -15.30 -3.14 -21.38
CA SER B 79 -14.35 -2.34 -22.09
C SER B 79 -13.17 -2.05 -21.18
N LEU B 80 -12.97 -2.90 -20.15
CA LEU B 80 -11.66 -2.78 -19.42
C LEU B 80 -10.52 -3.31 -20.23
N ALA B 81 -9.33 -2.78 -19.95
CA ALA B 81 -8.13 -3.35 -20.49
C ALA B 81 -8.07 -4.86 -20.21
N SER B 82 -7.54 -5.57 -21.19
CA SER B 82 -7.55 -6.97 -21.08
C SER B 82 -6.65 -7.54 -19.96
N ASP B 83 -5.61 -6.83 -19.56
CA ASP B 83 -4.81 -7.40 -18.46
C ASP B 83 -5.66 -7.49 -17.15
N ILE B 84 -6.63 -6.54 -16.98
CA ILE B 84 -7.48 -6.56 -15.78
C ILE B 84 -8.43 -7.74 -15.94
N THR B 85 -9.05 -7.90 -17.13
CA THR B 85 -10.06 -8.97 -17.24
C THR B 85 -9.40 -10.34 -17.16
N ASP B 86 -8.17 -10.49 -17.65
CA ASP B 86 -7.43 -11.77 -17.49
C ASP B 86 -7.25 -12.13 -15.99
N GLU B 87 -6.94 -11.13 -15.15
CA GLU B 87 -6.87 -11.43 -13.69
C GLU B 87 -8.21 -11.70 -13.08
N GLN B 88 -9.25 -10.98 -13.49
CA GLN B 88 -10.55 -11.22 -12.96
C GLN B 88 -11.05 -12.62 -13.25
N LYS B 89 -10.68 -13.16 -14.44
CA LYS B 89 -11.11 -14.51 -14.74
C LYS B 89 -10.47 -15.53 -13.79
N LYS B 90 -9.20 -15.26 -13.45
CA LYS B 90 -8.53 -16.15 -12.52
C LYS B 90 -9.15 -16.08 -11.14
N VAL B 91 -9.48 -14.87 -10.71
CA VAL B 91 -10.15 -14.71 -9.35
C VAL B 91 -11.56 -15.32 -9.32
N ARG B 92 -12.28 -15.11 -10.42
CA ARG B 92 -13.68 -15.62 -10.55
C ARG B 92 -13.64 -17.12 -10.39
N GLU B 93 -12.68 -17.77 -11.03
CA GLU B 93 -12.64 -19.24 -10.92
C GLU B 93 -12.10 -19.80 -9.62
N ALA B 94 -11.24 -19.00 -8.97
CA ALA B 94 -10.54 -19.51 -7.78
C ALA B 94 -11.47 -19.74 -6.56
N ASP B 95 -11.17 -20.82 -5.85
CA ASP B 95 -11.75 -21.07 -4.50
C ASP B 95 -10.91 -20.42 -3.42
N LEU B 96 -9.59 -20.30 -3.67
CA LEU B 96 -8.70 -19.73 -2.65
C LEU B 96 -7.76 -18.82 -3.41
N VAL B 97 -7.51 -17.64 -2.87
CA VAL B 97 -6.51 -16.75 -3.48
C VAL B 97 -5.44 -16.54 -2.37
N ILE B 98 -4.22 -16.91 -2.70
CA ILE B 98 -3.08 -16.76 -1.73
C ILE B 98 -2.27 -15.61 -2.28
N PHE B 99 -1.91 -14.63 -1.41
CA PHE B 99 -1.02 -13.58 -1.87
C PHE B 99 0.35 -13.84 -1.26
N GLN B 100 1.41 -13.91 -2.06
CA GLN B 100 2.73 -14.23 -1.51
C GLN B 100 3.61 -13.01 -1.77
N PHE B 101 4.11 -12.37 -0.69
CA PHE B 101 4.87 -11.15 -0.94
C PHE B 101 5.70 -10.81 0.30
N PRO B 102 6.77 -10.02 0.06
CA PRO B 102 7.57 -9.43 1.15
C PRO B 102 6.81 -8.20 1.61
N LEU B 103 6.78 -7.95 2.91
CA LEU B 103 6.22 -6.72 3.46
C LEU B 103 7.04 -5.55 3.05
N TYR B 104 6.41 -4.61 2.36
CA TYR B 104 7.03 -3.27 2.03
C TYR B 104 6.24 -2.20 2.72
N TRP B 105 6.90 -1.46 3.62
CA TRP B 105 6.24 -0.41 4.34
C TRP B 105 4.93 -0.81 4.98
N PHE B 106 5.00 -1.99 5.61
CA PHE B 106 3.84 -2.43 6.45
C PHE B 106 2.68 -2.79 5.51
N SER B 107 3.00 -3.03 4.23
CA SER B 107 1.93 -3.34 3.29
C SER B 107 2.51 -4.22 2.14
N VAL B 108 1.72 -4.27 1.05
CA VAL B 108 2.17 -5.02 -0.12
C VAL B 108 3.10 -4.13 -0.99
N PRO B 109 3.99 -4.77 -1.76
CA PRO B 109 4.72 -4.04 -2.75
C PRO B 109 3.77 -3.34 -3.72
N ALA B 110 4.21 -2.18 -4.21
CA ALA B 110 3.34 -1.43 -5.11
C ALA B 110 2.79 -2.23 -6.26
N ILE B 111 3.60 -3.16 -6.80
CA ILE B 111 3.09 -3.86 -7.99
C ILE B 111 1.84 -4.66 -7.59
N LEU B 112 1.84 -5.22 -6.38
CA LEU B 112 0.67 -5.97 -5.87
C LEU B 112 -0.41 -5.02 -5.42
N LYS B 113 -0.05 -3.85 -4.90
CA LYS B 113 -1.08 -2.83 -4.60
C LYS B 113 -1.81 -2.49 -5.87
N GLY B 114 -1.07 -2.41 -6.99
CA GLY B 114 -1.75 -2.08 -8.24
C GLY B 114 -2.64 -3.17 -8.73
N TRP B 115 -2.28 -4.42 -8.50
CA TRP B 115 -3.20 -5.53 -8.77
C TRP B 115 -4.49 -5.33 -7.96
N MET B 116 -4.41 -5.02 -6.66
N MET B 116 -4.37 -5.02 -6.65
CA MET B 116 -5.66 -4.84 -5.95
CA MET B 116 -5.56 -4.76 -5.85
C MET B 116 -6.42 -3.63 -6.51
C MET B 116 -6.40 -3.63 -6.45
N ASP B 117 -5.76 -2.50 -6.77
CA ASP B 117 -6.45 -1.32 -7.16
C ASP B 117 -7.17 -1.53 -8.50
N ARG B 118 -6.56 -2.29 -9.44
CA ARG B 118 -7.06 -2.35 -10.82
C ARG B 118 -7.95 -3.55 -11.03
N VAL B 119 -7.67 -4.67 -10.33
CA VAL B 119 -8.39 -5.90 -10.57
C VAL B 119 -9.68 -5.93 -9.77
N LEU B 120 -9.68 -5.33 -8.56
CA LEU B 120 -10.85 -5.51 -7.67
C LEU B 120 -11.81 -4.35 -7.88
N CYS B 121 -12.33 -4.24 -9.09
CA CYS B 121 -13.07 -3.03 -9.42
C CYS B 121 -14.55 -3.12 -8.98
N GLN B 122 -15.21 -1.98 -8.89
CA GLN B 122 -16.62 -2.05 -8.58
C GLN B 122 -17.38 -2.78 -9.71
N GLY B 123 -18.40 -3.52 -9.31
CA GLY B 123 -19.11 -4.41 -10.26
C GLY B 123 -18.57 -5.82 -10.30
N PHE B 124 -17.26 -5.94 -10.13
CA PHE B 124 -16.63 -7.29 -10.12
C PHE B 124 -16.49 -7.81 -8.68
N ALA B 125 -15.78 -7.03 -7.87
CA ALA B 125 -15.40 -7.49 -6.52
C ALA B 125 -16.35 -6.99 -5.45
N PHE B 126 -16.97 -5.85 -5.67
CA PHE B 126 -17.91 -5.28 -4.69
C PHE B 126 -18.89 -4.45 -5.46
N ASP B 127 -20.06 -4.21 -4.85
CA ASP B 127 -20.95 -3.18 -5.42
C ASP B 127 -21.33 -2.28 -4.20
N ILE B 128 -21.98 -1.16 -4.49
CA ILE B 128 -22.45 -0.25 -3.42
C ILE B 128 -23.97 -0.16 -3.65
N PRO B 129 -24.80 -0.94 -2.91
CA PRO B 129 -24.42 -1.88 -1.82
C PRO B 129 -23.93 -3.22 -2.36
N GLY B 130 -23.35 -4.05 -1.47
CA GLY B 130 -22.76 -5.32 -1.87
C GLY B 130 -21.25 -5.35 -1.49
N PHE B 131 -20.98 -5.18 -0.22
CA PHE B 131 -19.63 -5.20 0.33
C PHE B 131 -19.56 -5.78 1.71
N TYR B 132 -18.35 -5.98 2.25
CA TYR B 132 -18.07 -6.75 3.48
C TYR B 132 -18.80 -8.12 3.35
N ASP B 133 -19.68 -8.50 4.28
CA ASP B 133 -20.29 -9.83 4.19
C ASP B 133 -21.14 -9.99 2.90
N SER B 134 -21.59 -8.90 2.30
CA SER B 134 -22.32 -8.94 1.03
C SER B 134 -21.41 -8.68 -0.20
N GLY B 135 -20.09 -8.70 -0.03
CA GLY B 135 -19.22 -8.44 -1.17
C GLY B 135 -19.40 -9.51 -2.25
N LEU B 136 -18.94 -9.19 -3.45
CA LEU B 136 -19.26 -10.07 -4.58
C LEU B 136 -18.38 -11.28 -4.68
N LEU B 137 -17.25 -11.30 -3.98
CA LEU B 137 -16.45 -12.49 -3.95
C LEU B 137 -16.74 -13.36 -2.74
N GLN B 138 -17.97 -13.20 -2.19
CA GLN B 138 -18.41 -14.14 -1.15
C GLN B 138 -18.31 -15.60 -1.59
N GLY B 139 -17.98 -16.42 -0.61
CA GLY B 139 -17.76 -17.83 -0.85
C GLY B 139 -16.29 -18.20 -1.10
N LYS B 140 -15.48 -17.19 -1.40
CA LYS B 140 -14.03 -17.46 -1.69
C LYS B 140 -13.22 -17.27 -0.46
N LEU B 141 -12.05 -17.93 -0.40
CA LEU B 141 -11.11 -17.81 0.73
C LEU B 141 -9.90 -17.02 0.25
N ALA B 142 -9.33 -16.25 1.14
CA ALA B 142 -8.09 -15.54 0.80
C ALA B 142 -7.12 -15.70 1.96
N LEU B 143 -5.85 -15.62 1.63
CA LEU B 143 -4.81 -15.89 2.66
C LEU B 143 -3.60 -14.99 2.28
N LEU B 144 -3.08 -14.18 3.23
CA LEU B 144 -1.84 -13.46 3.05
C LEU B 144 -0.63 -14.26 3.57
N SER B 145 0.33 -14.58 2.71
CA SER B 145 1.55 -15.19 3.13
C SER B 145 2.66 -14.15 2.94
N VAL B 146 3.18 -13.60 4.05
CA VAL B 146 4.00 -12.39 4.08
C VAL B 146 5.35 -12.78 4.61
N THR B 147 6.40 -12.15 4.11
CA THR B 147 7.75 -12.31 4.75
C THR B 147 8.12 -10.93 5.28
N THR B 148 8.94 -10.89 6.35
CA THR B 148 9.30 -9.57 6.91
C THR B 148 10.81 -9.48 7.08
N GLY B 149 11.33 -8.24 7.08
CA GLY B 149 12.72 -8.01 7.60
C GLY B 149 12.72 -8.00 9.13
N GLY B 150 11.68 -7.48 9.76
CA GLY B 150 11.62 -7.40 11.23
C GLY B 150 11.34 -8.74 11.94
N THR B 151 11.83 -8.91 13.17
CA THR B 151 11.76 -10.25 13.80
C THR B 151 10.42 -10.35 14.45
N ALA B 152 9.96 -11.57 14.82
CA ALA B 152 8.68 -11.71 15.50
C ALA B 152 8.62 -10.87 16.74
N GLU B 153 9.77 -10.75 17.48
CA GLU B 153 9.68 -9.92 18.67
C GLU B 153 9.50 -8.43 18.45
N MET B 154 10.08 -7.91 17.37
CA MET B 154 9.83 -6.53 16.91
C MET B 154 8.31 -6.35 16.60
N TYR B 155 7.67 -7.41 16.11
CA TYR B 155 6.23 -7.33 15.80
C TYR B 155 5.28 -7.79 16.92
N THR B 156 5.50 -7.24 18.11
CA THR B 156 4.64 -7.52 19.25
C THR B 156 4.17 -6.25 19.80
N LYS B 157 3.14 -6.34 20.64
CA LYS B 157 2.43 -5.18 21.12
C LYS B 157 3.38 -4.18 21.73
N THR B 158 4.43 -4.69 22.37
CA THR B 158 5.47 -3.86 23.00
C THR B 158 6.85 -3.87 22.27
N GLY B 159 6.91 -4.30 21.00
CA GLY B 159 8.14 -4.21 20.19
C GLY B 159 8.07 -2.93 19.38
N VAL B 160 9.13 -2.59 18.63
CA VAL B 160 9.19 -1.32 17.87
C VAL B 160 8.15 -1.20 16.80
N ASN B 161 7.83 -2.36 16.22
CA ASN B 161 6.79 -2.37 15.19
C ASN B 161 5.34 -2.49 15.62
N GLY B 162 5.05 -2.86 16.88
CA GLY B 162 3.66 -3.08 17.34
C GLY B 162 3.28 -4.49 16.82
N ASP B 163 2.10 -4.92 17.19
CA ASP B 163 1.69 -6.26 16.80
C ASP B 163 1.56 -6.43 15.28
N SER B 164 1.92 -7.62 14.77
CA SER B 164 1.76 -7.89 13.34
C SER B 164 0.34 -7.76 12.89
N ARG B 165 -0.63 -8.10 13.77
CA ARG B 165 -1.98 -7.94 13.33
C ARG B 165 -2.34 -6.50 12.93
N TYR B 166 -1.63 -5.52 13.53
CA TYR B 166 -2.08 -4.14 13.33
C TYR B 166 -1.88 -3.76 11.82
N PHE B 167 -0.82 -4.27 11.19
CA PHE B 167 -0.62 -3.82 9.81
C PHE B 167 -1.48 -4.62 8.87
N LEU B 168 -2.12 -5.69 9.39
CA LEU B 168 -2.95 -6.49 8.47
C LEU B 168 -4.27 -5.87 8.14
N TRP B 169 -4.76 -4.90 8.95
CA TRP B 169 -6.10 -4.40 8.82
C TRP B 169 -6.45 -3.88 7.42
N PRO B 170 -5.57 -3.04 6.76
CA PRO B 170 -6.06 -2.51 5.43
C PRO B 170 -6.18 -3.61 4.37
N LEU B 171 -5.38 -4.68 4.54
CA LEU B 171 -5.34 -5.77 3.56
C LEU B 171 -6.47 -6.76 3.86
N GLN B 172 -6.51 -7.26 5.09
CA GLN B 172 -7.57 -8.21 5.43
C GLN B 172 -8.96 -7.60 5.46
N HIS B 173 -9.13 -6.51 6.21
CA HIS B 173 -10.40 -5.95 6.41
C HIS B 173 -10.79 -5.00 5.27
N GLY B 174 -9.95 -3.98 5.05
CA GLY B 174 -10.33 -2.96 4.07
C GLY B 174 -10.38 -3.51 2.62
N THR B 175 -9.65 -4.59 2.34
CA THR B 175 -9.61 -5.08 0.92
C THR B 175 -10.34 -6.42 0.89
N LEU B 176 -9.80 -7.45 1.50
CA LEU B 176 -10.34 -8.78 1.25
C LEU B 176 -11.75 -9.00 1.78
N HIS B 177 -11.95 -8.68 3.05
CA HIS B 177 -13.31 -8.76 3.68
C HIS B 177 -14.26 -7.83 2.96
N PHE B 178 -13.81 -6.61 2.61
CA PHE B 178 -14.68 -5.72 1.88
C PHE B 178 -15.24 -6.32 0.60
N CYS B 179 -14.42 -7.12 -0.09
CA CYS B 179 -14.83 -7.79 -1.35
C CYS B 179 -15.58 -9.08 -1.07
N GLY B 180 -15.83 -9.39 0.20
CA GLY B 180 -16.59 -10.62 0.49
C GLY B 180 -15.81 -11.89 0.78
N PHE B 181 -14.48 -11.87 0.64
CA PHE B 181 -13.72 -13.03 0.98
C PHE B 181 -13.84 -13.37 2.47
N LYS B 182 -13.76 -14.66 2.75
CA LYS B 182 -13.48 -15.12 4.10
C LYS B 182 -11.94 -15.16 4.15
N VAL B 183 -11.38 -14.68 5.26
CA VAL B 183 -9.94 -14.54 5.35
C VAL B 183 -9.36 -15.65 6.22
N LEU B 184 -8.50 -16.51 5.66
CA LEU B 184 -7.78 -17.44 6.50
C LEU B 184 -6.70 -16.76 7.30
N ALA B 185 -6.26 -17.39 8.37
CA ALA B 185 -5.23 -16.78 9.20
C ALA B 185 -3.95 -16.54 8.35
N PRO B 186 -3.30 -15.38 8.56
CA PRO B 186 -2.07 -15.12 7.77
C PRO B 186 -0.94 -16.07 8.02
N GLN B 187 -0.12 -16.30 7.00
CA GLN B 187 1.13 -16.97 7.24
C GLN B 187 2.19 -15.90 7.30
N ILE B 188 2.84 -15.71 8.45
CA ILE B 188 3.91 -14.69 8.46
C ILE B 188 5.24 -15.36 8.73
N SER B 189 6.17 -15.28 7.77
CA SER B 189 7.49 -15.88 7.88
C SER B 189 8.47 -14.74 8.27
N PHE B 190 8.82 -14.66 9.56
CA PHE B 190 9.56 -13.49 10.07
C PHE B 190 11.06 -13.59 9.78
N ALA B 191 11.60 -12.48 9.29
CA ALA B 191 13.04 -12.30 9.24
C ALA B 191 13.86 -13.45 8.58
N PRO B 192 13.46 -13.92 7.39
CA PRO B 192 14.24 -15.02 6.85
C PRO B 192 15.72 -14.66 6.56
N GLU B 193 16.00 -13.40 6.21
CA GLU B 193 17.35 -12.96 5.94
C GLU B 193 18.26 -13.09 7.19
N ILE B 194 17.72 -12.83 8.37
CA ILE B 194 18.51 -13.02 9.63
C ILE B 194 18.72 -14.52 9.92
N ALA B 195 17.73 -15.33 9.58
CA ALA B 195 17.65 -16.69 10.10
C ALA B 195 18.71 -17.60 9.49
N SER B 196 19.05 -18.68 10.20
CA SER B 196 19.98 -19.69 9.70
C SER B 196 19.35 -20.45 8.57
N GLU B 197 20.15 -21.16 7.76
CA GLU B 197 19.54 -21.92 6.65
C GLU B 197 18.62 -23.04 7.18
N GLU B 198 18.85 -23.48 8.43
CA GLU B 198 17.99 -24.48 9.06
C GLU B 198 16.64 -23.89 9.37
N GLU B 199 16.61 -22.71 10.02
CA GLU B 199 15.36 -22.03 10.38
C GLU B 199 14.55 -21.68 9.12
N ARG B 200 15.22 -21.39 8.03
CA ARG B 200 14.52 -21.05 6.81
C ARG B 200 13.83 -22.24 6.23
N LYS B 201 14.59 -23.34 6.19
CA LYS B 201 14.09 -24.63 5.82
C LYS B 201 12.84 -24.99 6.60
N GLY B 202 12.86 -24.71 7.92
CA GLY B 202 11.72 -24.94 8.85
C GLY B 202 10.51 -24.06 8.55
N MET B 203 10.81 -22.81 8.16
CA MET B 203 9.69 -21.91 7.85
C MET B 203 9.02 -22.36 6.53
N VAL B 204 9.79 -22.83 5.57
CA VAL B 204 9.30 -23.34 4.31
C VAL B 204 8.47 -24.60 4.59
N ALA B 205 9.04 -25.48 5.42
CA ALA B 205 8.27 -26.73 5.68
C ALA B 205 7.05 -26.51 6.53
N ALA B 206 7.06 -25.54 7.45
CA ALA B 206 5.88 -25.17 8.24
C ALA B 206 4.72 -24.70 7.29
N TRP B 207 5.09 -23.96 6.26
CA TRP B 207 4.03 -23.50 5.29
C TRP B 207 3.47 -24.68 4.45
N SER B 208 4.39 -25.51 3.94
CA SER B 208 4.03 -26.74 3.23
C SER B 208 3.14 -27.61 4.10
N GLN B 209 3.55 -27.82 5.34
CA GLN B 209 2.74 -28.66 6.25
C GLN B 209 1.36 -28.03 6.51
N ARG B 210 1.30 -26.69 6.68
CA ARG B 210 0.00 -26.07 6.91
C ARG B 210 -0.88 -26.35 5.66
N LEU B 211 -0.30 -26.17 4.47
CA LEU B 211 -1.11 -26.34 3.27
C LEU B 211 -1.71 -27.73 3.14
N GLN B 212 -1.08 -28.71 3.81
CA GLN B 212 -1.67 -30.07 3.75
C GLN B 212 -3.09 -30.12 4.24
N THR B 213 -3.39 -29.27 5.24
CA THR B 213 -4.73 -29.25 5.79
C THR B 213 -5.45 -27.93 5.64
N ILE B 214 -5.12 -27.15 4.60
CA ILE B 214 -5.71 -25.80 4.46
C ILE B 214 -7.21 -25.83 4.25
N TRP B 215 -7.72 -26.92 3.65
CA TRP B 215 -9.17 -26.90 3.32
C TRP B 215 -10.02 -27.28 4.53
N LYS B 216 -9.36 -27.68 5.61
CA LYS B 216 -10.05 -27.91 6.95
C LYS B 216 -10.08 -26.66 7.84
N GLU B 217 -9.37 -25.61 7.45
CA GLU B 217 -9.31 -24.40 8.29
C GLU B 217 -10.58 -23.59 8.22
N GLU B 218 -10.97 -22.90 9.31
CA GLU B 218 -12.06 -21.97 9.32
C GLU B 218 -11.40 -20.56 9.25
N PRO B 219 -12.11 -19.60 8.69
CA PRO B 219 -11.52 -18.24 8.61
C PRO B 219 -11.41 -17.57 9.98
N ILE B 220 -10.63 -16.49 10.02
CA ILE B 220 -10.63 -15.60 11.17
C ILE B 220 -11.88 -14.79 11.20
N PRO B 221 -12.21 -14.33 12.42
CA PRO B 221 -13.20 -13.31 12.46
C PRO B 221 -12.57 -11.97 12.10
N CYS B 222 -12.87 -11.43 10.94
CA CYS B 222 -12.03 -10.31 10.47
C CYS B 222 -12.66 -9.01 10.99
N THR B 223 -12.41 -8.78 12.29
CA THR B 223 -13.08 -7.67 13.00
C THR B 223 -11.99 -6.77 13.56
N ALA B 224 -12.42 -5.57 13.98
CA ALA B 224 -11.52 -4.68 14.73
C ALA B 224 -10.97 -5.37 16.00
N HIS B 225 -11.85 -6.11 16.76
CA HIS B 225 -11.32 -6.85 17.94
C HIS B 225 -10.16 -7.82 17.64
N TRP B 226 -10.28 -8.59 16.54
CA TRP B 226 -9.31 -9.62 16.25
C TRP B 226 -7.99 -8.85 15.97
N HIS B 227 -8.08 -7.73 15.19
CA HIS B 227 -6.84 -7.06 14.85
C HIS B 227 -6.14 -6.24 15.98
N PHE B 228 -6.94 -5.65 16.86
CA PHE B 228 -6.44 -4.62 17.74
C PHE B 228 -6.71 -4.92 19.20
N GLY B 229 -7.64 -5.82 19.48
CA GLY B 229 -7.87 -6.30 20.88
C GLY B 229 -8.85 -5.39 21.56
N GLN B 230 -8.93 -5.54 22.89
CA GLN B 230 -9.99 -4.95 23.78
C GLN B 230 -10.76 -6.05 24.53
ZN ZN C . 4.85 6.07 15.05
PA FAD D . -13.85 13.91 -7.06
O1A FAD D . -14.87 13.02 -7.78
O2A FAD D . -12.78 14.46 -7.99
O5B FAD D . -14.58 15.29 -6.65
C5B FAD D . -15.85 15.39 -6.01
C4B FAD D . -16.57 16.52 -6.76
O4B FAD D . -16.03 17.79 -6.42
C3B FAD D . -16.38 16.37 -8.28
O3B FAD D . -17.63 16.57 -8.92
C2B FAD D . -15.31 17.41 -8.63
O2B FAD D . -15.32 17.80 -9.99
C1B FAD D . -15.64 18.51 -7.60
N9A FAD D . -14.59 19.51 -7.27
C8A FAD D . -13.30 19.59 -7.74
N7A FAD D . -12.71 20.66 -7.16
C5A FAD D . -13.58 21.27 -6.32
C6A FAD D . -13.52 22.41 -5.49
N6A FAD D . -12.48 23.23 -5.54
N1A FAD D . -14.60 22.81 -4.73
C2A FAD D . -15.78 22.09 -4.79
N3A FAD D . -15.85 20.97 -5.63
C4A FAD D . -14.78 20.56 -6.38
N1 FAD D . -12.86 4.96 -0.42
C2 FAD D . -12.72 4.56 0.84
O2 FAD D . -13.36 5.23 1.68
N3 FAD D . -11.95 3.55 1.29
C4 FAD D . -11.19 2.84 0.41
O4 FAD D . -10.51 1.95 0.83
C4X FAD D . -11.37 3.12 -0.95
N5 FAD D . -10.73 2.35 -1.93
C5X FAD D . -10.81 2.71 -3.22
C6 FAD D . -10.05 1.90 -4.12
C7 FAD D . -10.11 2.27 -5.47
C7M FAD D . -9.29 1.39 -6.39
C8 FAD D . -10.89 3.37 -5.94
C8M FAD D . -10.95 3.73 -7.42
C9 FAD D . -11.61 4.16 -5.01
C9A FAD D . -11.58 3.80 -3.65
N10 FAD D . -12.25 4.57 -2.68
C10 FAD D . -12.14 4.21 -1.36
C1' FAD D . -13.06 5.75 -3.13
C2' FAD D . -12.02 6.96 -3.23
O2' FAD D . -11.20 7.16 -2.05
C3' FAD D . -12.79 8.24 -3.66
O3' FAD D . -13.42 7.96 -4.87
C4' FAD D . -11.85 9.47 -3.86
O4' FAD D . -11.35 9.71 -2.59
C5' FAD D . -12.75 10.68 -4.19
O5' FAD D . -11.82 11.83 -4.14
P FAD D . -11.65 12.55 -5.60
O1P FAD D . -11.31 11.42 -6.61
O2P FAD D . -10.69 13.70 -5.75
O3P FAD D . -13.23 13.15 -5.73
C1 ZXZ E . -13.24 0.27 -1.03
C2 ZXZ E . -13.97 1.02 -0.08
C3 ZXZ E . -14.94 2.00 -0.52
C4 ZXZ E . -15.09 2.23 -1.91
C5 ZXZ E . -14.35 1.49 -2.86
C6 ZXZ E . -13.43 0.51 -2.40
C7 ZXZ E . -13.82 0.74 1.38
C8 ZXZ E . -14.59 1.43 2.29
C9 ZXZ E . -15.46 2.42 1.87
N10 ZXZ E . -15.71 2.69 0.51
C11 ZXZ E . -12.79 -0.29 1.79
C12 ZXZ E . -16.69 3.70 0.12
O13 ZXZ E . -16.10 3.04 2.71
C1 ZXZ F . 10.91 -0.74 6.79
C2 ZXZ F . 10.95 -1.62 7.86
C3 ZXZ F . 12.07 -2.62 7.85
C4 ZXZ F . 12.98 -2.76 6.76
C5 ZXZ F . 12.86 -1.88 5.65
C6 ZXZ F . 11.84 -0.92 5.75
C7 ZXZ F . 9.99 -1.49 8.98
C8 ZXZ F . 10.15 -2.37 10.08
C9 ZXZ F . 11.17 -3.33 10.09
N10 ZXZ F . 12.11 -3.49 9.03
C11 ZXZ F . 8.91 -0.41 8.92
C12 ZXZ F . 13.14 -4.53 9.11
O13 ZXZ F . 11.24 -4.11 11.09
ZN ZN G . -12.88 -7.65 8.39
PA FAD H . 15.53 -13.68 0.69
O1A FAD H . 15.37 -14.23 -0.69
O2A FAD H . 16.76 -12.74 0.84
O5B FAD H . 15.73 -14.94 1.64
C5B FAD H . 16.35 -14.89 2.91
C4B FAD H . 17.27 -16.10 2.82
O4B FAD H . 16.57 -17.36 2.70
C3B FAD H . 18.14 -15.98 1.56
O3B FAD H . 19.52 -16.18 1.91
C2B FAD H . 17.57 -17.04 0.62
O2B FAD H . 18.52 -17.55 -0.31
C1B FAD H . 17.14 -18.09 1.62
N9A FAD H . 16.26 -19.14 1.02
C8A FAD H . 15.54 -19.04 -0.15
N7A FAD H . 14.91 -20.21 -0.35
C5A FAD H . 15.21 -21.08 0.65
C6A FAD H . 14.82 -22.41 0.92
N6A FAD H . 13.97 -23.07 0.15
N1A FAD H . 15.31 -23.05 2.04
C2A FAD H . 16.17 -22.37 2.89
N3A FAD H . 16.55 -21.07 2.63
C4A FAD H . 16.08 -20.42 1.52
N1 FAD H . 10.41 -5.48 6.42
C2 FAD H . 9.54 -5.29 7.48
O2 FAD H . 9.58 -6.06 8.43
N3 FAD H . 8.61 -4.27 7.57
C4 FAD H . 8.55 -3.42 6.42
O4 FAD H . 7.71 -2.57 6.43
C4X FAD H . 9.43 -3.57 5.37
N5 FAD H . 9.47 -2.62 4.33
C5X FAD H . 10.34 -2.83 3.27
C6 FAD H . 10.26 -1.90 2.17
C7 FAD H . 11.10 -2.10 1.11
C7M FAD H . 10.94 -1.10 -0.04
C8 FAD H . 12.01 -3.18 1.06
C8M FAD H . 12.92 -3.41 -0.12
C9 FAD H . 12.06 -4.12 2.12
C9A FAD H . 11.23 -3.90 3.21
N10 FAD H . 11.24 -4.81 4.28
C10 FAD H . 10.36 -4.61 5.34
C1' FAD H . 12.20 -5.97 4.26
C2' FAD H . 11.46 -7.14 3.50
O2' FAD H . 10.12 -7.37 4.04
C3' FAD H . 12.36 -8.38 3.57
O3' FAD H . 13.60 -7.95 2.94
C4' FAD H . 11.73 -9.55 2.79
O4' FAD H . 10.53 -9.82 3.48
C5' FAD H . 12.61 -10.79 2.94
O5' FAD H . 12.11 -11.74 1.97
P FAD H . 12.85 -12.33 0.64
O1P FAD H . 12.27 -13.39 -0.11
O2P FAD H . 13.27 -11.12 -0.23
O3P FAD H . 14.20 -12.96 1.38
#